data_5WDM
#
_entry.id   5WDM
#
_cell.length_a   43.382
_cell.length_b   85.771
_cell.length_c   45.696
_cell.angle_alpha   90.000
_cell.angle_beta   110.890
_cell.angle_gamma   90.000
#
_symmetry.space_group_name_H-M   'P 1 21 1'
#
_entity_poly.entity_id   1
_entity_poly.type   'polypeptide(L)'
_entity_poly.pdbx_seq_one_letter_code
;FVNQHLCGSHLVEALYLVCGERGFFYTPETEEGPRRGIVEQCCHSICSLEQLENYCN
;
_entity_poly.pdbx_strand_id   A,B,C,D,E,F
#
# COMPACT_ATOMS: atom_id res chain seq x y z
N GLN A 4 6.02 -4.38 -13.43
CA GLN A 4 5.41 -3.61 -14.50
C GLN A 4 4.03 -4.17 -14.91
N HIS A 5 3.46 -5.05 -14.08
CA HIS A 5 2.09 -5.56 -14.26
C HIS A 5 1.10 -4.80 -13.37
N LEU A 6 0.27 -3.92 -13.92
CA LEU A 6 -0.67 -3.13 -13.10
C LEU A 6 -2.15 -3.56 -13.12
N CYS A 7 -2.61 -4.14 -12.01
CA CYS A 7 -3.97 -4.67 -11.89
C CYS A 7 -4.65 -4.28 -10.58
N GLY A 8 -5.96 -4.15 -10.64
CA GLY A 8 -6.75 -4.00 -9.44
C GLY A 8 -6.35 -2.79 -8.64
N SER A 9 -6.26 -2.98 -7.33
CA SER A 9 -5.92 -1.90 -6.43
C SER A 9 -4.62 -1.23 -6.88
N HIS A 10 -3.68 -2.00 -7.41
CA HIS A 10 -2.41 -1.41 -7.87
C HIS A 10 -2.53 -0.57 -9.14
N LEU A 11 -3.36 -0.99 -10.10
CA LEU A 11 -3.65 -0.16 -11.27
C LEU A 11 -4.18 1.18 -10.83
N VAL A 12 -5.08 1.11 -9.86
CA VAL A 12 -5.70 2.30 -9.30
C VAL A 12 -4.69 3.22 -8.59
N GLU A 13 -3.72 2.63 -7.92
CA GLU A 13 -2.69 3.44 -7.28
C GLU A 13 -1.85 4.15 -8.34
N ALA A 14 -1.66 3.47 -9.47
CA ALA A 14 -0.86 4.00 -10.56
C ALA A 14 -1.56 5.17 -11.23
N LEU A 15 -2.85 5.00 -11.51
CA LEU A 15 -3.65 6.06 -12.13
C LEU A 15 -3.59 7.35 -11.29
N TYR A 16 -3.89 7.23 -10.00
CA TYR A 16 -3.82 8.36 -9.07
C TYR A 16 -2.52 9.10 -9.20
N LEU A 17 -1.46 8.33 -9.36
CA LEU A 17 -0.11 8.86 -9.40
C LEU A 17 0.17 9.64 -10.69
N VAL A 18 -0.08 9.01 -11.84
CA VAL A 18 0.29 9.61 -13.13
C VAL A 18 -0.72 10.63 -13.63
N CYS A 19 -1.90 10.65 -13.02
CA CYS A 19 -2.97 11.54 -13.47
C CYS A 19 -2.99 12.83 -12.69
N GLY A 20 -2.35 12.85 -11.53
CA GLY A 20 -2.26 14.07 -10.74
C GLY A 20 -3.60 14.76 -10.52
N GLU A 21 -3.70 15.98 -11.02
CA GLU A 21 -4.90 16.80 -10.86
C GLU A 21 -5.99 16.40 -11.87
N ARG A 22 -5.55 15.87 -13.00
CA ARG A 22 -6.43 15.48 -14.12
C ARG A 22 -7.57 14.54 -13.71
N GLY A 23 -7.32 13.68 -12.74
CA GLY A 23 -8.31 12.72 -12.31
C GLY A 23 -8.36 11.54 -13.26
N PHE A 24 -9.32 10.63 -13.04
CA PHE A 24 -9.47 9.45 -13.89
C PHE A 24 -10.77 8.68 -13.66
N PHE A 25 -11.07 7.78 -14.58
CA PHE A 25 -12.19 6.84 -14.44
C PHE A 25 -11.67 5.40 -14.48
N TYR A 26 -12.20 4.54 -13.60
CA TYR A 26 -11.79 3.14 -13.54
C TYR A 26 -12.93 2.13 -13.54
N THR A 27 -12.82 1.11 -14.39
CA THR A 27 -13.83 0.08 -14.51
C THR A 27 -13.24 -1.23 -13.99
N GLY A 37 -8.21 -1.28 -24.26
CA GLY A 37 -8.50 -1.57 -22.87
C GLY A 37 -7.28 -1.42 -21.99
N ILE A 38 -7.41 -0.65 -20.92
CA ILE A 38 -6.30 -0.40 -20.02
C ILE A 38 -5.89 -1.68 -19.31
N VAL A 39 -6.86 -2.55 -19.09
CA VAL A 39 -6.61 -3.84 -18.47
C VAL A 39 -5.79 -4.75 -19.40
N GLU A 40 -6.20 -4.84 -20.66
CA GLU A 40 -5.45 -5.65 -21.64
C GLU A 40 -3.99 -5.21 -21.79
N GLN A 41 -3.77 -3.91 -21.90
CA GLN A 41 -2.46 -3.36 -22.20
C GLN A 41 -1.54 -3.24 -20.99
N CYS A 42 -2.12 -2.97 -19.83
CA CYS A 42 -1.34 -2.61 -18.65
C CYS A 42 -1.50 -3.63 -17.50
N CYS A 43 -2.59 -4.40 -17.51
CA CYS A 43 -2.79 -5.43 -16.48
C CYS A 43 -2.41 -6.80 -17.06
N HIS A 44 -2.93 -7.11 -18.24
CA HIS A 44 -2.60 -8.37 -18.90
C HIS A 44 -1.21 -8.29 -19.55
N SER A 45 -0.83 -7.10 -19.98
CA SER A 45 0.49 -6.85 -20.57
C SER A 45 1.14 -5.63 -19.93
N ILE A 46 2.42 -5.44 -20.18
CA ILE A 46 3.15 -4.30 -19.65
C ILE A 46 3.03 -3.08 -20.55
N CYS A 47 2.46 -2.02 -19.99
CA CYS A 47 2.41 -0.72 -20.64
C CYS A 47 3.46 0.18 -20.02
N SER A 48 3.69 1.32 -20.67
CA SER A 48 4.63 2.30 -20.14
C SER A 48 3.89 3.44 -19.43
N LEU A 49 4.67 4.34 -18.84
CA LEU A 49 4.12 5.50 -18.15
C LEU A 49 3.26 6.32 -19.12
N GLU A 50 3.81 6.53 -20.31
CA GLU A 50 3.15 7.30 -21.36
C GLU A 50 1.81 6.69 -21.78
N GLN A 51 1.78 5.37 -21.98
CA GLN A 51 0.56 4.68 -22.35
C GLN A 51 -0.50 4.86 -21.27
N LEU A 52 -0.04 4.94 -20.03
CA LEU A 52 -0.90 5.06 -18.85
C LEU A 52 -1.55 6.43 -18.71
N GLU A 53 -0.81 7.50 -18.99
CA GLU A 53 -1.37 8.85 -18.89
C GLU A 53 -2.57 9.06 -19.82
N ASN A 54 -2.60 8.30 -20.91
CA ASN A 54 -3.64 8.45 -21.94
C ASN A 54 -5.02 7.96 -21.51
N TYR A 55 -5.14 7.50 -20.27
CA TYR A 55 -6.42 7.09 -19.73
C TYR A 55 -6.96 8.05 -18.67
N CYS A 56 -6.24 9.14 -18.42
CA CYS A 56 -6.73 10.16 -17.51
C CYS A 56 -7.78 11.01 -18.20
N ASN A 57 -8.33 11.97 -17.46
CA ASN A 57 -9.32 12.89 -18.00
C ASN A 57 -8.75 14.29 -18.13
N GLN B 4 -12.32 6.85 8.77
CA GLN B 4 -11.40 7.67 9.56
C GLN B 4 -10.49 8.46 8.63
N HIS B 5 -10.94 9.65 8.26
CA HIS B 5 -10.18 10.58 7.41
C HIS B 5 -9.46 9.87 6.26
N LEU B 6 -10.13 9.84 5.12
CA LEU B 6 -9.64 9.19 3.94
C LEU B 6 -9.19 10.17 2.85
N CYS B 7 -7.88 10.28 2.63
CA CYS B 7 -7.35 11.29 1.70
C CYS B 7 -6.39 10.71 0.69
N GLY B 8 -6.35 11.32 -0.50
CA GLY B 8 -5.36 11.00 -1.49
C GLY B 8 -5.42 9.55 -1.90
N SER B 9 -4.25 8.92 -1.97
CA SER B 9 -4.13 7.52 -2.35
C SER B 9 -4.99 6.58 -1.50
N HIS B 10 -5.16 6.88 -0.22
CA HIS B 10 -5.98 6.03 0.63
C HIS B 10 -7.48 6.17 0.30
N LEU B 11 -7.93 7.39 0.03
CA LEU B 11 -9.31 7.63 -0.43
C LEU B 11 -9.55 6.81 -1.68
N VAL B 12 -8.55 6.83 -2.53
CA VAL B 12 -8.57 6.09 -3.78
C VAL B 12 -8.57 4.59 -3.51
N GLU B 13 -7.85 4.15 -2.48
CA GLU B 13 -7.87 2.75 -2.11
C GLU B 13 -9.25 2.39 -1.62
N ALA B 14 -9.90 3.34 -0.94
CA ALA B 14 -11.23 3.11 -0.37
C ALA B 14 -12.31 3.01 -1.42
N LEU B 15 -12.31 3.95 -2.36
CA LEU B 15 -13.30 3.97 -3.44
C LEU B 15 -13.30 2.67 -4.20
N TYR B 16 -12.11 2.25 -4.63
CA TYR B 16 -11.93 0.97 -5.30
C TYR B 16 -12.57 -0.17 -4.54
N LEU B 17 -12.42 -0.13 -3.23
CA LEU B 17 -12.84 -1.20 -2.35
C LEU B 17 -14.36 -1.32 -2.26
N VAL B 18 -15.02 -0.20 -2.01
CA VAL B 18 -16.47 -0.20 -1.77
C VAL B 18 -17.29 -0.23 -3.06
N CYS B 19 -16.65 0.01 -4.19
CA CYS B 19 -17.37 0.09 -5.46
C CYS B 19 -17.33 -1.21 -6.26
N GLY B 20 -16.39 -2.09 -5.93
CA GLY B 20 -16.29 -3.39 -6.58
C GLY B 20 -16.28 -3.29 -8.09
N GLU B 21 -17.30 -3.87 -8.72
CA GLU B 21 -17.38 -3.88 -10.18
C GLU B 21 -17.88 -2.56 -10.76
N ARG B 22 -18.66 -1.81 -9.99
CA ARG B 22 -19.24 -0.56 -10.47
C ARG B 22 -18.18 0.40 -11.00
N GLY B 23 -17.01 0.39 -10.34
CA GLY B 23 -15.96 1.34 -10.69
C GLY B 23 -16.19 2.68 -10.00
N PHE B 24 -15.39 3.69 -10.35
CA PHE B 24 -15.53 4.99 -9.72
C PHE B 24 -14.81 6.07 -10.51
N PHE B 25 -15.11 7.31 -10.14
CA PHE B 25 -14.49 8.50 -10.71
C PHE B 25 -13.79 9.28 -9.60
N TYR B 26 -12.59 9.80 -9.88
CA TYR B 26 -11.89 10.58 -8.88
C TYR B 26 -11.39 11.91 -9.46
N THR B 27 -11.80 13.00 -8.80
CA THR B 27 -11.50 14.36 -9.24
C THR B 27 -10.65 15.08 -8.18
N PRO B 28 -10.33 16.37 -8.41
CA PRO B 28 -9.55 17.06 -7.37
C PRO B 28 -10.37 17.42 -6.15
N GLY B 37 -18.10 18.10 -2.40
CA GLY B 37 -16.74 17.66 -2.58
C GLY B 37 -16.37 16.48 -1.69
N ILE B 38 -15.83 15.43 -2.31
CA ILE B 38 -15.44 14.22 -1.59
C ILE B 38 -14.28 14.52 -0.64
N VAL B 39 -13.46 15.48 -1.05
CA VAL B 39 -12.35 15.93 -0.24
C VAL B 39 -12.93 16.60 0.98
N GLU B 40 -13.91 17.48 0.75
CA GLU B 40 -14.63 18.14 1.84
C GLU B 40 -15.25 17.12 2.78
N GLN B 41 -15.91 16.12 2.21
CA GLN B 41 -16.74 15.23 3.01
C GLN B 41 -15.97 14.13 3.72
N CYS B 42 -14.97 13.58 3.04
CA CYS B 42 -14.33 12.35 3.50
C CYS B 42 -12.84 12.49 3.85
N CYS B 43 -12.19 13.53 3.32
CA CYS B 43 -10.77 13.76 3.59
C CYS B 43 -10.58 14.80 4.71
N HIS B 44 -11.29 15.92 4.62
CA HIS B 44 -11.19 16.93 5.66
C HIS B 44 -11.99 16.54 6.92
N SER B 45 -13.03 15.75 6.74
CA SER B 45 -13.82 15.22 7.86
C SER B 45 -14.02 13.73 7.68
N ILE B 46 -14.44 13.03 8.73
CA ILE B 46 -14.66 11.59 8.64
C ILE B 46 -16.05 11.29 8.11
N CYS B 47 -16.11 10.63 6.96
CA CYS B 47 -17.38 10.20 6.37
C CYS B 47 -17.68 8.71 6.56
N SER B 48 -18.93 8.36 6.30
CA SER B 48 -19.44 6.99 6.38
C SER B 48 -19.57 6.35 4.99
N LEU B 49 -20.12 5.13 4.97
CA LEU B 49 -20.25 4.32 3.75
C LEU B 49 -20.95 4.98 2.55
N GLU B 50 -22.27 5.10 2.60
CA GLU B 50 -23.03 5.63 1.46
C GLU B 50 -22.59 7.03 1.01
N GLN B 51 -22.25 7.89 1.95
CA GLN B 51 -21.79 9.24 1.61
C GLN B 51 -20.62 9.09 0.66
N LEU B 52 -19.83 8.06 0.92
CA LEU B 52 -18.65 7.75 0.11
C LEU B 52 -19.06 7.09 -1.21
N GLU B 53 -20.02 6.17 -1.15
CA GLU B 53 -20.47 5.44 -2.33
C GLU B 53 -21.06 6.29 -3.45
N ASN B 54 -21.63 7.43 -3.11
CA ASN B 54 -22.25 8.27 -4.15
C ASN B 54 -21.21 8.98 -5.02
N TYR B 55 -19.92 8.74 -4.77
CA TYR B 55 -18.88 9.29 -5.62
C TYR B 55 -18.38 8.14 -6.49
N CYS B 56 -18.90 6.96 -6.17
CA CYS B 56 -18.81 5.75 -6.99
C CYS B 56 -19.96 5.79 -7.99
N ASN B 57 -20.14 4.69 -8.70
CA ASN B 57 -21.22 4.58 -9.68
C ASN B 57 -22.36 3.69 -9.19
N HIS C 5 -8.98 -7.11 -8.50
CA HIS C 5 -7.74 -7.67 -7.98
C HIS C 5 -7.30 -6.92 -6.70
N LEU C 6 -7.66 -7.48 -5.54
CA LEU C 6 -7.27 -6.90 -4.26
C LEU C 6 -6.22 -7.81 -3.64
N CYS C 7 -4.95 -7.38 -3.64
CA CYS C 7 -3.87 -8.29 -3.26
C CYS C 7 -2.79 -7.76 -2.33
N GLY C 8 -2.22 -8.68 -1.56
CA GLY C 8 -1.06 -8.40 -0.74
C GLY C 8 -1.26 -7.37 0.32
N SER C 9 -0.29 -6.47 0.43
CA SER C 9 -0.33 -5.42 1.42
C SER C 9 -1.66 -4.68 1.33
N HIS C 10 -2.20 -4.58 0.12
CA HIS C 10 -3.45 -3.84 -0.05
C HIS C 10 -4.59 -4.61 0.56
N LEU C 11 -4.57 -5.94 0.38
CA LEU C 11 -5.57 -6.80 0.98
C LEU C 11 -5.54 -6.63 2.48
N VAL C 12 -4.34 -6.60 3.02
CA VAL C 12 -4.16 -6.43 4.46
C VAL C 12 -4.59 -5.00 4.89
N GLU C 13 -4.32 -4.00 4.06
CA GLU C 13 -4.76 -2.63 4.35
C GLU C 13 -6.27 -2.54 4.33
N ALA C 14 -6.91 -3.34 3.48
CA ALA C 14 -8.36 -3.33 3.36
C ALA C 14 -9.02 -3.88 4.62
N LEU C 15 -8.49 -5.00 5.11
CA LEU C 15 -9.00 -5.59 6.33
C LEU C 15 -8.96 -4.60 7.50
N TYR C 16 -7.78 -4.04 7.74
CA TYR C 16 -7.60 -3.07 8.81
C TYR C 16 -8.67 -1.99 8.77
N LEU C 17 -8.96 -1.50 7.57
CA LEU C 17 -9.87 -0.36 7.42
C LEU C 17 -11.32 -0.71 7.75
N VAL C 18 -11.84 -1.80 7.20
CA VAL C 18 -13.27 -2.12 7.35
C VAL C 18 -13.58 -2.83 8.66
N CYS C 19 -12.55 -3.38 9.32
CA CYS C 19 -12.76 -4.18 10.54
C CYS C 19 -12.59 -3.35 11.80
N GLY C 20 -11.98 -2.17 11.66
CA GLY C 20 -11.81 -1.26 12.77
C GLY C 20 -11.25 -1.90 14.03
N GLU C 21 -12.03 -1.84 15.10
CA GLU C 21 -11.61 -2.38 16.39
C GLU C 21 -11.84 -3.89 16.48
N ARG C 22 -12.76 -4.43 15.67
CA ARG C 22 -13.02 -5.87 15.72
C ARG C 22 -11.71 -6.64 15.53
N GLY C 23 -10.81 -6.10 14.73
CA GLY C 23 -9.58 -6.78 14.41
C GLY C 23 -9.84 -7.77 13.27
N PHE C 24 -8.86 -8.60 12.95
CA PHE C 24 -9.02 -9.57 11.88
C PHE C 24 -7.92 -10.62 11.88
N PHE C 25 -8.14 -11.66 11.09
CA PHE C 25 -7.16 -12.70 10.82
C PHE C 25 -6.85 -12.73 9.33
N TYR C 26 -5.59 -12.97 9.01
CA TYR C 26 -5.14 -13.00 7.61
C TYR C 26 -4.40 -14.28 7.29
N THR C 27 -4.79 -14.91 6.20
CA THR C 27 -4.24 -16.20 5.76
C THR C 27 -3.45 -16.07 4.46
N GLY C 37 -10.42 -19.27 1.36
CA GLY C 37 -9.27 -18.38 1.33
C GLY C 37 -9.63 -16.97 0.93
N ILE C 38 -9.19 -16.00 1.73
CA ILE C 38 -9.48 -14.60 1.45
C ILE C 38 -8.83 -14.17 0.14
N VAL C 39 -7.73 -14.82 -0.18
CA VAL C 39 -7.01 -14.53 -1.43
C VAL C 39 -7.79 -14.93 -2.67
N GLU C 40 -8.28 -16.17 -2.68
CA GLU C 40 -9.07 -16.68 -3.80
C GLU C 40 -10.25 -15.77 -4.13
N GLN C 41 -10.89 -15.31 -3.06
CA GLN C 41 -12.16 -14.64 -3.15
C GLN C 41 -11.97 -13.15 -3.48
N CYS C 42 -10.87 -12.56 -3.01
CA CYS C 42 -10.67 -11.10 -3.10
C CYS C 42 -9.51 -10.63 -3.99
N CYS C 43 -8.50 -11.47 -4.20
CA CYS C 43 -7.33 -11.12 -5.02
C CYS C 43 -7.40 -11.66 -6.44
N HIS C 44 -7.63 -12.95 -6.54
CA HIS C 44 -7.79 -13.61 -7.81
C HIS C 44 -9.18 -13.36 -8.36
N SER C 45 -10.11 -13.08 -7.46
CA SER C 45 -11.47 -12.71 -7.84
C SER C 45 -11.88 -11.47 -7.08
N ILE C 46 -12.95 -10.84 -7.53
CA ILE C 46 -13.43 -9.63 -6.88
C ILE C 46 -14.30 -10.04 -5.72
N CYS C 47 -13.92 -9.63 -4.52
CA CYS C 47 -14.78 -9.84 -3.38
C CYS C 47 -15.45 -8.52 -3.07
N SER C 48 -16.54 -8.60 -2.31
CA SER C 48 -17.26 -7.43 -1.87
C SER C 48 -16.91 -7.20 -0.41
N LEU C 49 -17.46 -6.15 0.18
CA LEU C 49 -17.23 -5.89 1.59
C LEU C 49 -17.68 -7.09 2.40
N GLU C 50 -18.83 -7.64 2.03
CA GLU C 50 -19.44 -8.76 2.74
C GLU C 50 -18.52 -9.99 2.84
N GLN C 51 -17.98 -10.41 1.70
CA GLN C 51 -17.02 -11.52 1.67
C GLN C 51 -15.77 -11.18 2.47
N LEU C 52 -15.44 -9.89 2.46
CA LEU C 52 -14.26 -9.39 3.14
C LEU C 52 -14.46 -9.35 4.66
N GLU C 53 -15.64 -8.87 5.06
CA GLU C 53 -16.00 -8.72 6.47
C GLU C 53 -16.02 -10.06 7.22
N ASN C 54 -16.17 -11.16 6.48
CA ASN C 54 -16.20 -12.47 7.11
C ASN C 54 -14.83 -12.87 7.65
N TYR C 55 -13.85 -11.99 7.46
CA TYR C 55 -12.50 -12.19 7.98
C TYR C 55 -12.17 -11.23 9.13
N CYS C 56 -13.16 -10.45 9.54
CA CYS C 56 -13.07 -9.67 10.77
C CYS C 56 -13.41 -10.60 11.93
N ASN C 57 -13.41 -10.07 13.16
CA ASN C 57 -13.78 -10.84 14.33
C ASN C 57 -15.13 -10.39 14.86
N GLN D 4 10.84 1.79 14.98
CA GLN D 4 10.86 1.09 16.26
C GLN D 4 9.44 1.05 16.86
N HIS D 5 8.71 2.16 16.68
CA HIS D 5 7.32 2.31 17.10
C HIS D 5 6.31 2.04 15.98
N LEU D 6 5.66 0.88 16.02
CA LEU D 6 4.71 0.47 15.00
C LEU D 6 3.22 0.60 15.39
N CYS D 7 2.52 1.53 14.74
CA CYS D 7 1.13 1.83 15.09
C CYS D 7 0.21 1.89 13.86
N GLY D 8 -1.05 1.53 14.10
CA GLY D 8 -2.08 1.56 13.08
C GLY D 8 -1.74 0.58 11.97
N SER D 9 -1.97 0.98 10.73
CA SER D 9 -1.68 0.13 9.57
C SER D 9 -0.23 -0.38 9.54
N HIS D 10 0.72 0.37 10.10
CA HIS D 10 2.11 -0.05 10.04
C HIS D 10 2.35 -1.31 10.80
N LEU D 11 1.72 -1.41 11.97
CA LEU D 11 1.81 -2.60 12.80
C LEU D 11 1.33 -3.77 11.97
N VAL D 12 0.25 -3.53 11.27
CA VAL D 12 -0.36 -4.51 10.41
C VAL D 12 0.53 -4.83 9.19
N GLU D 13 1.15 -3.81 8.61
CA GLU D 13 2.04 -4.04 7.49
C GLU D 13 3.23 -4.84 7.99
N ALA D 14 3.66 -4.53 9.21
CA ALA D 14 4.80 -5.21 9.79
C ALA D 14 4.45 -6.68 10.02
N LEU D 15 3.29 -6.93 10.61
CA LEU D 15 2.80 -8.28 10.82
C LEU D 15 2.79 -9.02 9.50
N TYR D 16 2.14 -8.43 8.50
CA TYR D 16 2.12 -8.98 7.16
C TYR D 16 3.50 -9.37 6.70
N LEU D 17 4.46 -8.52 7.02
CA LEU D 17 5.81 -8.72 6.53
C LEU D 17 6.49 -9.88 7.25
N VAL D 18 6.44 -9.88 8.58
CA VAL D 18 7.22 -10.82 9.36
C VAL D 18 6.59 -12.19 9.49
N CYS D 19 5.30 -12.30 9.17
CA CYS D 19 4.59 -13.56 9.38
C CYS D 19 4.56 -14.40 8.12
N GLY D 20 4.79 -13.76 6.97
CA GLY D 20 4.86 -14.48 5.71
C GLY D 20 3.71 -15.43 5.48
N GLU D 21 4.03 -16.71 5.45
CA GLU D 21 3.05 -17.76 5.17
C GLU D 21 2.21 -18.08 6.41
N ARG D 22 2.76 -17.87 7.60
CA ARG D 22 2.02 -18.16 8.83
C ARG D 22 0.68 -17.45 8.86
N GLY D 23 0.63 -16.25 8.29
CA GLY D 23 -0.56 -15.42 8.38
C GLY D 23 -0.47 -14.76 9.74
N PHE D 24 -1.49 -14.05 10.16
CA PHE D 24 -1.43 -13.41 11.46
C PHE D 24 -2.81 -12.94 11.87
N PHE D 25 -2.98 -12.69 13.17
CA PHE D 25 -4.22 -12.15 13.67
C PHE D 25 -3.91 -10.84 14.36
N TYR D 26 -4.78 -9.87 14.16
CA TYR D 26 -4.61 -8.55 14.73
C TYR D 26 -5.83 -8.27 15.56
N THR D 27 -5.59 -7.98 16.84
CA THR D 27 -6.65 -7.84 17.80
C THR D 27 -6.25 -6.88 18.93
N PRO D 28 -6.80 -5.65 18.90
CA PRO D 28 -6.47 -4.65 19.93
C PRO D 28 -7.15 -4.92 21.28
N ARG D 36 -0.37 -7.03 27.33
CA ARG D 36 -1.81 -6.95 27.22
C ARG D 36 -2.16 -6.30 25.88
N GLY D 37 -1.89 -7.00 24.78
CA GLY D 37 -2.28 -6.48 23.48
C GLY D 37 -1.11 -6.08 22.60
N ILE D 38 -1.16 -6.47 21.33
CA ILE D 38 -0.09 -6.11 20.40
C ILE D 38 -0.04 -4.59 20.30
N VAL D 39 -1.18 -3.95 20.48
CA VAL D 39 -1.27 -2.50 20.42
C VAL D 39 -0.49 -1.85 21.54
N GLU D 40 -0.72 -2.31 22.77
CA GLU D 40 0.02 -1.84 23.93
C GLU D 40 1.52 -2.09 23.74
N GLN D 41 1.85 -3.27 23.24
CA GLN D 41 3.21 -3.78 23.25
C GLN D 41 4.11 -3.21 22.13
N CYS D 42 3.54 -2.91 20.97
CA CYS D 42 4.32 -2.52 19.78
C CYS D 42 4.12 -1.07 19.32
N CYS D 43 3.01 -0.45 19.73
CA CYS D 43 2.73 0.95 19.37
C CYS D 43 3.09 1.91 20.49
N HIS D 44 2.63 1.62 21.69
CA HIS D 44 2.93 2.46 22.85
C HIS D 44 4.35 2.21 23.37
N SER D 45 4.86 1.00 23.14
CA SER D 45 6.24 0.68 23.48
C SER D 45 6.88 -0.04 22.30
N ILE D 46 8.21 -0.12 22.30
CA ILE D 46 8.95 -0.79 21.24
C ILE D 46 9.08 -2.28 21.55
N CYS D 47 8.47 -3.11 20.71
CA CYS D 47 8.59 -4.56 20.83
C CYS D 47 9.57 -5.11 19.82
N SER D 48 9.96 -6.36 20.03
CA SER D 48 10.86 -7.05 19.10
C SER D 48 10.07 -7.99 18.20
N LEU D 49 10.76 -8.64 17.28
CA LEU D 49 10.12 -9.57 16.35
C LEU D 49 9.41 -10.75 17.00
N GLU D 50 10.04 -11.43 17.97
CA GLU D 50 9.40 -12.58 18.60
C GLU D 50 8.08 -12.17 19.23
N GLN D 51 8.07 -11.03 19.91
CA GLN D 51 6.84 -10.52 20.48
C GLN D 51 5.86 -10.31 19.33
N LEU D 52 6.42 -9.87 18.21
CA LEU D 52 5.67 -9.61 17.01
C LEU D 52 5.27 -10.94 16.33
N GLU D 53 6.20 -11.90 16.32
CA GLU D 53 5.97 -13.20 15.69
C GLU D 53 4.87 -14.03 16.36
N ASN D 54 4.68 -13.84 17.65
CA ASN D 54 3.69 -14.61 18.40
C ASN D 54 2.25 -14.21 18.11
N TYR D 55 2.09 -13.24 17.20
CA TYR D 55 0.77 -12.85 16.72
C TYR D 55 0.55 -13.35 15.30
N CYS D 56 1.52 -14.13 14.79
CA CYS D 56 1.32 -14.85 13.55
C CYS D 56 0.53 -16.13 13.86
N ASN D 57 0.18 -16.87 12.81
CA ASN D 57 -0.45 -18.17 12.97
C ASN D 57 0.48 -19.26 12.45
N GLN E 4 10.71 -15.81 2.35
CA GLN E 4 11.43 -14.67 2.90
C GLN E 4 12.44 -14.11 1.89
N HIS E 5 12.22 -14.41 0.62
CA HIS E 5 13.02 -13.85 -0.47
C HIS E 5 12.32 -12.57 -0.84
N LEU E 6 12.90 -11.45 -0.45
CA LEU E 6 12.25 -10.16 -0.63
C LEU E 6 12.69 -9.50 -1.93
N CYS E 7 11.76 -9.45 -2.88
CA CYS E 7 12.05 -9.01 -4.23
C CYS E 7 11.03 -7.98 -4.65
N GLY E 8 11.43 -7.05 -5.50
CA GLY E 8 10.50 -6.10 -6.07
C GLY E 8 9.81 -5.29 -4.98
N SER E 9 8.51 -5.10 -5.14
CA SER E 9 7.72 -4.30 -4.22
C SER E 9 7.87 -4.75 -2.76
N HIS E 10 8.04 -6.05 -2.54
CA HIS E 10 8.14 -6.55 -1.17
C HIS E 10 9.44 -6.10 -0.52
N LEU E 11 10.52 -6.13 -1.29
CA LEU E 11 11.80 -5.62 -0.82
C LEU E 11 11.69 -4.16 -0.38
N VAL E 12 11.00 -3.39 -1.20
CA VAL E 12 10.78 -1.96 -0.97
C VAL E 12 9.85 -1.71 0.23
N GLU E 13 8.85 -2.56 0.37
CA GLU E 13 7.95 -2.46 1.51
C GLU E 13 8.70 -2.80 2.81
N ALA E 14 9.67 -3.70 2.74
CA ALA E 14 10.44 -4.11 3.92
C ALA E 14 11.39 -3.04 4.50
N LEU E 15 12.22 -2.45 3.64
CA LEU E 15 13.17 -1.43 4.08
C LEU E 15 12.46 -0.29 4.80
N TYR E 16 11.40 0.20 4.17
CA TYR E 16 10.55 1.25 4.71
C TYR E 16 10.17 1.01 6.15
N LEU E 17 9.90 -0.24 6.49
CA LEU E 17 9.47 -0.62 7.82
C LEU E 17 10.58 -0.51 8.88
N VAL E 18 11.74 -1.10 8.60
CA VAL E 18 12.82 -1.23 9.57
C VAL E 18 13.66 0.04 9.72
N CYS E 19 13.54 0.96 8.78
CA CYS E 19 14.36 2.16 8.79
C CYS E 19 13.64 3.33 9.42
N GLY E 20 12.32 3.24 9.53
CA GLY E 20 11.53 4.32 10.11
C GLY E 20 11.88 5.65 9.47
N GLU E 21 12.36 6.59 10.27
CA GLU E 21 12.71 7.92 9.79
C GLU E 21 14.09 7.94 9.13
N ARG E 22 14.94 6.97 9.50
CA ARG E 22 16.30 6.92 8.97
C ARG E 22 16.31 7.03 7.45
N GLY E 23 15.26 6.51 6.82
CA GLY E 23 15.18 6.47 5.38
C GLY E 23 15.97 5.28 4.90
N PHE E 24 16.12 5.15 3.59
CA PHE E 24 16.85 4.02 3.04
C PHE E 24 17.19 4.28 1.59
N PHE E 25 18.13 3.50 1.05
CA PHE E 25 18.44 3.55 -0.37
C PHE E 25 18.22 2.20 -1.04
N TYR E 26 17.62 2.26 -2.23
CA TYR E 26 17.35 1.08 -3.05
C TYR E 26 17.89 1.35 -4.45
N THR E 27 18.73 0.45 -4.95
CA THR E 27 19.34 0.65 -6.27
C THR E 27 18.88 -0.45 -7.26
N PRO E 28 19.66 -1.54 -7.47
CA PRO E 28 19.08 -2.44 -8.49
C PRO E 28 17.86 -3.20 -7.99
N ARG E 36 27.24 -9.22 -3.17
CA ARG E 36 27.45 -8.21 -4.20
C ARG E 36 26.11 -7.68 -4.71
N GLY E 37 25.42 -6.91 -3.88
CA GLY E 37 24.16 -6.33 -4.28
C GLY E 37 22.97 -6.81 -3.47
N ILE E 38 22.12 -5.86 -3.08
CA ILE E 38 20.95 -6.16 -2.25
C ILE E 38 19.96 -7.11 -2.94
N VAL E 39 19.90 -7.07 -4.26
CA VAL E 39 19.03 -7.98 -5.00
C VAL E 39 19.59 -9.39 -4.79
N GLU E 40 20.91 -9.51 -4.94
CA GLU E 40 21.59 -10.76 -4.71
C GLU E 40 21.33 -11.27 -3.28
N GLN E 41 21.42 -10.37 -2.31
CA GLN E 41 21.40 -10.77 -0.89
C GLN E 41 20.01 -11.04 -0.34
N CYS E 42 18.99 -10.31 -0.82
CA CYS E 42 17.67 -10.34 -0.19
C CYS E 42 16.55 -10.89 -1.08
N CYS E 43 16.73 -10.80 -2.40
CA CYS E 43 15.73 -11.29 -3.33
C CYS E 43 16.05 -12.68 -3.86
N HIS E 44 17.27 -12.85 -4.36
CA HIS E 44 17.70 -14.16 -4.84
C HIS E 44 18.03 -15.07 -3.66
N SER E 45 18.41 -14.46 -2.54
CA SER E 45 18.67 -15.19 -1.29
C SER E 45 17.99 -14.51 -0.11
N ILE E 46 17.84 -15.24 0.98
CA ILE E 46 17.24 -14.68 2.19
C ILE E 46 18.33 -14.05 3.04
N CYS E 47 18.21 -12.74 3.25
CA CYS E 47 19.07 -12.04 4.21
C CYS E 47 18.26 -11.75 5.46
N SER E 48 18.95 -11.34 6.52
CA SER E 48 18.30 -10.97 7.76
C SER E 48 18.19 -9.46 7.87
N LEU E 49 17.59 -9.01 8.95
CA LEU E 49 17.41 -7.58 9.21
C LEU E 49 18.75 -6.86 9.24
N GLU E 50 19.79 -7.54 9.73
CA GLU E 50 21.10 -6.91 9.88
C GLU E 50 21.55 -6.32 8.55
N GLN E 51 21.42 -7.10 7.49
CA GLN E 51 21.73 -6.63 6.15
C GLN E 51 20.77 -5.51 5.70
N LEU E 52 19.52 -5.56 6.14
CA LEU E 52 18.52 -4.58 5.73
C LEU E 52 18.74 -3.22 6.41
N GLU E 53 19.04 -3.23 7.70
CA GLU E 53 19.31 -1.98 8.41
C GLU E 53 20.54 -1.34 7.78
N ASN E 54 21.36 -2.20 7.20
CA ASN E 54 22.62 -1.77 6.59
C ASN E 54 22.37 -1.01 5.29
N TYR E 55 21.09 -0.89 4.93
CA TYR E 55 20.70 -0.12 3.76
C TYR E 55 20.00 1.19 4.14
N CYS E 56 19.91 1.47 5.44
CA CYS E 56 19.46 2.79 5.86
C CYS E 56 20.62 3.78 5.86
N ASN E 57 20.31 5.06 6.04
CA ASN E 57 21.31 6.10 6.28
C ASN E 57 21.06 6.81 7.60
N HIS F 5 -2.42 13.95 -1.59
CA HIS F 5 -1.92 13.17 -0.46
C HIS F 5 -1.37 11.78 -0.83
N LEU F 6 -0.07 11.68 -1.07
CA LEU F 6 0.58 10.40 -1.30
C LEU F 6 1.40 10.10 -0.06
N CYS F 7 0.95 9.18 0.79
CA CYS F 7 1.56 9.06 2.11
C CYS F 7 1.85 7.62 2.47
N GLY F 8 2.84 7.46 3.34
CA GLY F 8 3.18 6.19 3.92
C GLY F 8 3.65 5.14 2.93
N SER F 9 3.21 3.91 3.15
CA SER F 9 3.62 2.78 2.33
C SER F 9 3.39 3.05 0.85
N HIS F 10 2.35 3.81 0.56
CA HIS F 10 1.93 4.08 -0.80
C HIS F 10 2.93 4.99 -1.55
N LEU F 11 3.48 5.96 -0.84
CA LEU F 11 4.54 6.81 -1.40
C LEU F 11 5.76 6.01 -1.84
N VAL F 12 6.16 5.07 -1.00
CA VAL F 12 7.28 4.19 -1.27
C VAL F 12 6.99 3.22 -2.44
N GLU F 13 5.75 2.72 -2.50
CA GLU F 13 5.32 1.86 -3.58
C GLU F 13 5.32 2.65 -4.89
N ALA F 14 5.05 3.95 -4.77
CA ALA F 14 5.03 4.83 -5.93
C ALA F 14 6.45 5.03 -6.45
N LEU F 15 7.40 5.27 -5.54
CA LEU F 15 8.79 5.43 -5.93
C LEU F 15 9.29 4.19 -6.70
N TYR F 16 9.06 3.01 -6.16
CA TYR F 16 9.41 1.75 -6.83
C TYR F 16 8.84 1.73 -8.24
N LEU F 17 7.61 2.21 -8.35
CA LEU F 17 6.85 2.13 -9.57
C LEU F 17 7.40 3.05 -10.66
N VAL F 18 7.66 4.32 -10.34
CA VAL F 18 8.13 5.24 -11.38
C VAL F 18 9.63 5.13 -11.64
N CYS F 19 10.36 4.51 -10.72
CA CYS F 19 11.82 4.44 -10.83
C CYS F 19 12.37 3.09 -11.36
N GLY F 20 11.57 2.03 -11.29
CA GLY F 20 11.99 0.71 -11.77
C GLY F 20 13.33 0.23 -11.26
N GLU F 21 14.26 -0.08 -12.17
CA GLU F 21 15.58 -0.58 -11.77
C GLU F 21 16.52 0.56 -11.39
N ARG F 22 16.23 1.74 -11.92
CA ARG F 22 16.99 2.95 -11.64
C ARG F 22 17.16 3.18 -10.14
N GLY F 23 16.18 2.70 -9.36
CA GLY F 23 16.23 2.84 -7.93
C GLY F 23 15.76 4.20 -7.43
N PHE F 24 15.92 4.42 -6.13
CA PHE F 24 15.52 5.68 -5.53
C PHE F 24 16.05 5.78 -4.11
N PHE F 25 15.98 6.98 -3.55
CA PHE F 25 16.30 7.20 -2.16
C PHE F 25 15.06 7.72 -1.47
N TYR F 26 14.89 7.30 -0.23
CA TYR F 26 13.76 7.73 0.57
C TYR F 26 14.28 8.35 1.85
N THR F 27 13.85 9.57 2.12
CA THR F 27 14.26 10.31 3.33
C THR F 27 13.52 9.78 4.55
N GLY F 37 12.46 17.09 1.05
CA GLY F 37 11.57 16.23 1.83
C GLY F 37 10.40 15.74 1.01
N ILE F 38 10.45 14.47 0.62
CA ILE F 38 9.40 13.87 -0.21
C ILE F 38 8.07 13.77 0.52
N VAL F 39 8.12 13.58 1.83
CA VAL F 39 6.91 13.53 2.62
C VAL F 39 6.22 14.89 2.59
N GLU F 40 6.99 15.95 2.80
CA GLU F 40 6.47 17.30 2.69
C GLU F 40 5.91 17.54 1.30
N GLN F 41 6.64 17.08 0.28
CA GLN F 41 6.34 17.41 -1.10
C GLN F 41 5.23 16.57 -1.71
N CYS F 42 5.10 15.32 -1.28
CA CYS F 42 4.19 14.40 -1.94
C CYS F 42 3.05 13.93 -1.05
N CYS F 43 3.26 13.98 0.27
CA CYS F 43 2.24 13.54 1.22
C CYS F 43 1.47 14.72 1.83
N HIS F 44 2.21 15.70 2.36
CA HIS F 44 1.60 16.87 2.96
C HIS F 44 1.14 17.84 1.88
N SER F 45 1.77 17.77 0.72
CA SER F 45 1.33 18.51 -0.46
C SER F 45 1.33 17.59 -1.67
N ILE F 46 0.71 18.03 -2.75
CA ILE F 46 0.67 17.23 -3.98
C ILE F 46 1.92 17.46 -4.83
N CYS F 47 2.67 16.38 -5.08
CA CYS F 47 3.77 16.45 -6.05
C CYS F 47 3.33 15.78 -7.34
N SER F 48 4.07 16.03 -8.41
CA SER F 48 3.76 15.42 -9.69
C SER F 48 4.68 14.25 -9.98
N LEU F 49 4.41 13.57 -11.09
CA LEU F 49 5.26 12.47 -11.50
C LEU F 49 6.67 13.01 -11.70
N GLU F 50 6.73 14.18 -12.35
CA GLU F 50 8.00 14.82 -12.69
C GLU F 50 8.81 15.05 -11.42
N GLN F 51 8.17 15.64 -10.42
CA GLN F 51 8.81 15.88 -9.12
C GLN F 51 9.21 14.59 -8.43
N LEU F 52 8.41 13.54 -8.61
CA LEU F 52 8.68 12.25 -7.97
C LEU F 52 9.87 11.58 -8.61
N GLU F 53 9.99 11.73 -9.93
CA GLU F 53 11.10 11.15 -10.70
C GLU F 53 12.43 11.70 -10.18
N ASN F 54 12.37 12.90 -9.60
CA ASN F 54 13.57 13.56 -9.10
C ASN F 54 14.10 12.93 -7.81
N TYR F 55 13.48 11.86 -7.34
CA TYR F 55 14.00 11.12 -6.19
C TYR F 55 14.59 9.78 -6.63
N CYS F 56 14.58 9.50 -7.92
CA CYS F 56 15.27 8.31 -8.41
C CYS F 56 16.77 8.58 -8.45
N ASN F 57 17.54 7.54 -8.80
CA ASN F 57 18.98 7.65 -8.98
C ASN F 57 19.35 7.45 -10.44
#